data_9KQW
#
_entry.id   9KQW
#
_cell.length_a   58.370
_cell.length_b   119.460
_cell.length_c   123.310
_cell.angle_alpha   90.00
_cell.angle_beta   90.00
_cell.angle_gamma   90.00
#
_symmetry.space_group_name_H-M   'P 21 21 21'
#
loop_
_entity.id
_entity.type
_entity.pdbx_description
1 polymer 'Terpenoid synthase'
2 non-polymer 'PYROPHOSPHATE 2-'
3 non-polymer N-benzyl-N,N-diethylethanaminium
4 non-polymer 'MAGNESIUM ION'
5 water water
#
_entity_poly.entity_id   1
_entity_poly.type   'polypeptide(L)'
_entity_poly.pdbx_seq_one_letter_code
;MQVAPTSSPAGPVSAIPSVFETLQGYKVPVFFSRYPAGISIAAQEVEDALRKIDEEASEEGTRERRRALIRHTNPYGDPF
TICHCSAFPDRLALLSCLVEVMWIHDDVTEEMDHISACREHDELAKVLQLDIDPSKFESGNVRQKSLAVVLRKAIDIDPK
QAPAMIEMLRHYLATFDNIGGDFTRMEEYMPYRIANCGYWMSSYFIRWGMDMTLSEEEYASIEQFDIAMGNVLGLTNDYF
SWNIEKDQETDRMRNGVVVLMKEHHTTADAAKMMLLGVIVEQESLAAKLKEERLKKPASKEILQYFEAIELYVGGSCYWH
STAPRYQVFE
;
_entity_poly.pdbx_strand_id   A,B
#
# COMPACT_ATOMS: atom_id res chain seq x y z
N SER A 14 -8.38 20.12 -11.35
CA SER A 14 -8.08 19.03 -12.28
C SER A 14 -7.74 19.58 -13.67
N ALA A 15 -6.77 18.94 -14.35
CA ALA A 15 -6.31 19.38 -15.67
C ALA A 15 -6.92 18.60 -16.83
N ILE A 16 -7.76 17.60 -16.56
CA ILE A 16 -8.35 16.78 -17.62
C ILE A 16 -9.87 17.03 -17.60
N PRO A 17 -10.57 16.84 -18.73
CA PRO A 17 -12.01 17.15 -18.76
C PRO A 17 -12.81 16.32 -17.76
N SER A 18 -14.00 16.82 -17.42
CA SER A 18 -14.86 16.19 -16.40
C SER A 18 -15.70 15.08 -17.05
N VAL A 19 -15.02 13.98 -17.35
CA VAL A 19 -15.61 12.87 -18.08
C VAL A 19 -15.72 11.63 -17.22
N PHE A 20 -15.50 11.74 -15.91
CA PHE A 20 -15.46 10.58 -15.03
C PHE A 20 -15.93 10.95 -13.64
N GLU A 21 -16.41 9.95 -12.91
CA GLU A 21 -16.80 10.09 -11.52
C GLU A 21 -15.81 9.32 -10.65
N THR A 22 -15.38 9.93 -9.55
CA THR A 22 -14.40 9.28 -8.70
C THR A 22 -15.02 8.10 -7.97
N LEU A 23 -14.23 7.05 -7.80
CA LEU A 23 -14.64 5.87 -7.04
C LEU A 23 -14.00 5.93 -5.66
N GLN A 24 -14.70 5.37 -4.68
CA GLN A 24 -14.18 5.27 -3.32
C GLN A 24 -13.50 3.92 -3.14
N GLY A 25 -12.20 3.89 -3.44
CA GLY A 25 -11.45 2.65 -3.37
C GLY A 25 -11.36 2.09 -1.97
N TYR A 26 -11.35 2.96 -0.95
CA TYR A 26 -11.21 2.49 0.43
C TYR A 26 -12.30 1.50 0.81
N LYS A 27 -13.47 1.56 0.15
CA LYS A 27 -14.54 0.61 0.41
C LYS A 27 -14.24 -0.81 -0.06
N VAL A 28 -13.16 -1.03 -0.79
CA VAL A 28 -12.80 -2.36 -1.29
C VAL A 28 -11.59 -2.84 -0.47
N PRO A 29 -11.73 -3.83 0.42
CA PRO A 29 -10.61 -4.16 1.30
C PRO A 29 -9.31 -4.57 0.60
N VAL A 30 -9.36 -5.25 -0.55
CA VAL A 30 -8.11 -5.69 -1.18
C VAL A 30 -7.47 -4.63 -2.07
N PHE A 31 -8.17 -3.52 -2.35
CA PHE A 31 -7.58 -2.41 -3.10
C PHE A 31 -6.55 -1.69 -2.24
N PHE A 32 -5.28 -1.77 -2.62
CA PHE A 32 -4.21 -1.21 -1.78
C PHE A 32 -3.55 0.03 -2.35
N SER A 33 -3.86 0.40 -3.60
CA SER A 33 -3.11 1.45 -4.27
C SER A 33 -3.25 2.79 -3.56
N ARG A 34 -2.17 3.58 -3.58
CA ARG A 34 -2.23 4.99 -3.19
C ARG A 34 -2.87 5.85 -4.26
N TYR A 35 -3.11 5.28 -5.55
CA TYR A 35 -3.58 6.18 -6.62
C TYR A 35 -5.11 6.13 -6.74
N PRO A 36 -5.71 7.18 -7.28
CA PRO A 36 -7.17 7.26 -7.33
C PRO A 36 -7.75 6.38 -8.42
N ALA A 37 -9.06 6.17 -8.35
CA ALA A 37 -9.77 5.43 -9.37
C ALA A 37 -11.03 6.17 -9.75
N GLY A 38 -11.37 6.13 -11.04
CA GLY A 38 -12.61 6.71 -11.52
C GLY A 38 -13.29 5.83 -12.56
N ILE A 39 -14.46 6.28 -13.01
CA ILE A 39 -15.20 5.57 -14.03
C ILE A 39 -15.84 6.56 -14.99
N SER A 40 -15.71 6.28 -16.28
CA SER A 40 -16.19 7.17 -17.34
C SER A 40 -17.69 7.40 -17.23
N ILE A 41 -18.12 8.62 -17.57
CA ILE A 41 -19.55 8.91 -17.66
C ILE A 41 -20.18 8.20 -18.83
N ALA A 42 -19.40 7.82 -19.85
CA ALA A 42 -19.94 7.10 -21.00
C ALA A 42 -19.81 5.57 -20.86
N ALA A 43 -19.87 5.05 -19.64
CA ALA A 43 -19.56 3.64 -19.40
C ALA A 43 -20.49 2.71 -20.18
N GLN A 44 -21.81 2.95 -20.10
CA GLN A 44 -22.78 2.08 -20.77
C GLN A 44 -22.52 1.97 -22.26
N GLU A 45 -22.30 3.11 -22.90
CA GLU A 45 -22.05 3.13 -24.33
C GLU A 45 -20.77 2.37 -24.71
N VAL A 46 -19.74 2.45 -23.86
CA VAL A 46 -18.48 1.75 -24.15
C VAL A 46 -18.63 0.25 -23.93
N GLU A 47 -19.35 -0.15 -22.88
CA GLU A 47 -19.66 -1.56 -22.66
C GLU A 47 -20.40 -2.16 -23.86
N ASP A 48 -21.34 -1.42 -24.45
CA ASP A 48 -22.06 -1.90 -25.62
C ASP A 48 -21.09 -2.17 -26.77
N ALA A 49 -20.20 -1.21 -27.04
CA ALA A 49 -19.21 -1.42 -28.10
C ALA A 49 -18.35 -2.64 -27.83
N LEU A 50 -17.96 -2.84 -26.57
CA LEU A 50 -17.08 -3.95 -26.23
C LEU A 50 -17.80 -5.29 -26.41
N ARG A 51 -19.05 -5.39 -25.99
CA ARG A 51 -19.79 -6.64 -26.18
C ARG A 51 -19.98 -6.93 -27.66
N LYS A 52 -20.18 -5.89 -28.47
CA LYS A 52 -20.27 -6.08 -29.91
C LYS A 52 -18.95 -6.58 -30.50
N ILE A 53 -17.84 -5.95 -30.13
CA ILE A 53 -16.57 -6.37 -30.72
C ILE A 53 -16.18 -7.74 -30.20
N ASP A 54 -16.62 -8.09 -28.99
CA ASP A 54 -16.36 -9.43 -28.47
C ASP A 54 -17.05 -10.48 -29.34
N GLU A 55 -18.27 -10.19 -29.76
CA GLU A 55 -19.01 -11.09 -30.66
C GLU A 55 -18.26 -11.34 -31.96
N GLU A 56 -17.59 -10.32 -32.49
CA GLU A 56 -16.96 -10.37 -33.80
C GLU A 56 -15.49 -10.82 -33.78
N ALA A 57 -14.75 -10.54 -32.70
CA ALA A 57 -13.31 -10.79 -32.67
C ALA A 57 -12.95 -12.09 -31.97
N SER A 58 -13.93 -12.79 -31.40
CA SER A 58 -13.76 -14.13 -30.86
C SER A 58 -14.91 -15.02 -31.34
N GLU A 59 -14.58 -16.26 -31.69
CA GLU A 59 -15.53 -17.20 -32.26
C GLU A 59 -16.26 -17.96 -31.16
N GLU A 60 -17.52 -18.30 -31.43
CA GLU A 60 -18.35 -18.95 -30.43
C GLU A 60 -17.78 -20.32 -30.08
N GLY A 61 -17.92 -20.71 -28.81
CA GLY A 61 -17.36 -21.94 -28.31
C GLY A 61 -15.87 -21.93 -27.96
N THR A 62 -15.12 -20.88 -28.29
CA THR A 62 -13.69 -20.87 -28.00
C THR A 62 -13.42 -20.40 -26.57
N ARG A 63 -12.23 -20.78 -26.06
CA ARG A 63 -11.79 -20.27 -24.75
C ARG A 63 -11.71 -18.75 -24.74
N GLU A 64 -11.18 -18.14 -25.81
CA GLU A 64 -11.03 -16.69 -25.81
C GLU A 64 -12.38 -16.00 -25.82
N ARG A 65 -13.40 -16.58 -26.44
CA ARG A 65 -14.74 -16.02 -26.33
C ARG A 65 -15.27 -16.09 -24.89
N ARG A 66 -15.10 -17.23 -24.22
CA ARG A 66 -15.57 -17.35 -22.84
C ARG A 66 -14.83 -16.37 -21.91
N ARG A 67 -13.52 -16.20 -22.12
CA ARG A 67 -12.77 -15.26 -21.27
C ARG A 67 -13.20 -13.82 -21.54
N ALA A 68 -13.48 -13.46 -22.80
CA ALA A 68 -13.93 -12.11 -23.12
C ALA A 68 -15.22 -11.79 -22.36
N LEU A 69 -16.14 -12.75 -22.30
CA LEU A 69 -17.40 -12.54 -21.60
C LEU A 69 -17.16 -12.34 -20.11
N ILE A 70 -16.32 -13.18 -19.51
CA ILE A 70 -16.02 -13.01 -18.09
C ILE A 70 -15.30 -11.69 -17.83
N ARG A 71 -14.43 -11.27 -18.76
CA ARG A 71 -13.70 -10.01 -18.61
C ARG A 71 -14.64 -8.80 -18.56
N HIS A 72 -15.82 -8.88 -19.17
CA HIS A 72 -16.76 -7.78 -19.15
C HIS A 72 -18.02 -8.10 -18.33
N THR A 73 -17.88 -9.03 -17.38
CA THR A 73 -18.78 -9.18 -16.25
C THR A 73 -18.29 -8.24 -15.15
N ASN A 74 -19.09 -7.23 -14.81
CA ASN A 74 -18.58 -5.97 -14.26
C ASN A 74 -19.28 -5.58 -12.97
N PRO A 75 -19.13 -6.36 -11.89
CA PRO A 75 -19.80 -5.96 -10.64
C PRO A 75 -19.34 -4.61 -10.12
N TYR A 76 -18.09 -4.22 -10.40
CA TYR A 76 -17.56 -2.95 -9.93
C TYR A 76 -17.22 -2.03 -11.09
N GLY A 77 -17.59 -2.40 -12.31
CA GLY A 77 -17.26 -1.60 -13.49
C GLY A 77 -16.41 -2.35 -14.50
N ASP A 78 -16.38 -1.86 -15.70
CA ASP A 78 -15.59 -2.46 -16.79
C ASP A 78 -14.12 -2.04 -16.63
N PRO A 79 -13.17 -2.90 -17.04
CA PRO A 79 -11.75 -2.49 -16.96
C PRO A 79 -11.44 -1.23 -17.74
N PHE A 80 -12.03 -1.05 -18.92
CA PHE A 80 -11.69 0.11 -19.75
C PHE A 80 -12.37 1.38 -19.26
N THR A 81 -13.64 1.28 -18.82
CA THR A 81 -14.32 2.48 -18.37
C THR A 81 -13.73 3.00 -17.07
N ILE A 82 -13.12 2.10 -16.28
CA ILE A 82 -12.40 2.51 -15.08
C ILE A 82 -11.00 3.02 -15.43
N CYS A 83 -10.18 2.18 -16.05
CA CYS A 83 -8.76 2.50 -16.18
C CYS A 83 -8.52 3.66 -17.15
N HIS A 84 -9.34 3.77 -18.20
CA HIS A 84 -9.25 4.85 -19.17
C HIS A 84 -10.33 5.90 -18.97
N CYS A 85 -10.76 6.10 -17.73
CA CYS A 85 -11.85 7.04 -17.45
C CYS A 85 -11.48 8.48 -17.83
N SER A 86 -10.20 8.80 -17.94
CA SER A 86 -9.79 10.15 -18.32
C SER A 86 -10.07 10.49 -19.78
N ALA A 87 -10.36 9.51 -20.63
CA ALA A 87 -10.49 9.73 -22.06
C ALA A 87 -11.78 10.46 -22.41
N PHE A 88 -11.72 11.28 -23.45
CA PHE A 88 -12.94 11.77 -24.08
C PHE A 88 -13.81 10.59 -24.51
N PRO A 89 -15.12 10.64 -24.26
CA PRO A 89 -16.00 9.51 -24.61
C PRO A 89 -15.90 9.04 -26.05
N ASP A 90 -15.81 9.95 -27.03
CA ASP A 90 -15.75 9.48 -28.42
C ASP A 90 -14.51 8.62 -28.66
N ARG A 91 -13.39 9.02 -28.06
CA ARG A 91 -12.16 8.26 -28.22
C ARG A 91 -12.16 7.00 -27.36
N LEU A 92 -12.85 7.03 -26.22
CA LEU A 92 -12.77 5.93 -25.26
C LEU A 92 -13.35 4.64 -25.85
N ALA A 93 -14.45 4.76 -26.59
CA ALA A 93 -15.05 3.57 -27.20
C ALA A 93 -14.10 2.93 -28.20
N LEU A 94 -13.40 3.76 -28.98
CA LEU A 94 -12.52 3.25 -30.00
C LEU A 94 -11.29 2.58 -29.40
N LEU A 95 -10.59 3.29 -28.52
CA LEU A 95 -9.38 2.70 -27.95
C LEU A 95 -9.70 1.48 -27.09
N SER A 96 -10.87 1.46 -26.44
CA SER A 96 -11.22 0.29 -25.64
C SER A 96 -11.42 -0.94 -26.51
N CYS A 97 -12.15 -0.79 -27.62
CA CYS A 97 -12.38 -1.92 -28.52
C CYS A 97 -11.10 -2.34 -29.21
N LEU A 98 -10.20 -1.40 -29.49
CA LEU A 98 -8.94 -1.77 -30.13
C LEU A 98 -8.06 -2.57 -29.19
N VAL A 99 -7.88 -2.07 -27.96
CA VAL A 99 -7.14 -2.84 -26.97
C VAL A 99 -7.86 -4.15 -26.61
N GLU A 100 -9.21 -4.15 -26.63
CA GLU A 100 -9.93 -5.41 -26.38
C GLU A 100 -9.56 -6.48 -27.41
N VAL A 101 -9.43 -6.12 -28.69
CA VAL A 101 -8.98 -7.10 -29.66
C VAL A 101 -7.59 -7.63 -29.29
N MET A 102 -6.69 -6.74 -28.86
CA MET A 102 -5.37 -7.16 -28.40
C MET A 102 -5.44 -8.10 -27.21
N TRP A 103 -6.44 -7.93 -26.36
CA TRP A 103 -6.56 -8.76 -25.16
C TRP A 103 -7.11 -10.14 -25.51
N ILE A 104 -7.99 -10.20 -26.52
CA ILE A 104 -8.45 -11.48 -27.03
C ILE A 104 -7.29 -12.23 -27.65
N HIS A 105 -6.46 -11.50 -28.41
CA HIS A 105 -5.24 -12.06 -28.98
C HIS A 105 -4.32 -12.61 -27.89
N ASP A 106 -4.20 -11.89 -26.79
CA ASP A 106 -3.35 -12.37 -25.67
C ASP A 106 -3.86 -13.71 -25.16
N ASP A 107 -5.16 -13.79 -24.89
CA ASP A 107 -5.75 -15.02 -24.40
C ASP A 107 -5.55 -16.17 -25.41
N VAL A 108 -5.61 -15.85 -26.70
CA VAL A 108 -5.39 -16.86 -27.75
C VAL A 108 -3.93 -17.32 -27.77
N THR A 109 -3.00 -16.37 -27.80
CA THR A 109 -1.61 -16.72 -28.10
C THR A 109 -0.80 -17.15 -26.88
N GLU A 110 -1.26 -16.86 -25.68
CA GLU A 110 -0.54 -17.35 -24.47
C GLU A 110 -0.64 -18.87 -24.40
N GLU A 111 -1.67 -19.44 -25.01
CA GLU A 111 -1.90 -20.87 -24.97
C GLU A 111 -1.11 -21.60 -26.06
N MET A 112 -0.46 -20.86 -26.94
CA MET A 112 0.31 -21.45 -28.02
C MET A 112 1.76 -21.56 -27.61
N ASP A 113 2.46 -22.49 -28.24
CA ASP A 113 3.91 -22.50 -28.11
C ASP A 113 4.47 -21.18 -28.66
N HIS A 114 5.62 -20.78 -28.14
CA HIS A 114 6.15 -19.45 -28.44
C HIS A 114 6.31 -19.22 -29.94
N ILE A 115 6.81 -20.22 -30.67
CA ILE A 115 7.06 -20.01 -32.10
C ILE A 115 5.75 -19.74 -32.84
N SER A 116 4.75 -20.59 -32.64
CA SER A 116 3.42 -20.38 -33.23
C SER A 116 2.84 -19.03 -32.80
N ALA A 117 3.08 -18.63 -31.55
CA ALA A 117 2.51 -17.39 -31.06
C ALA A 117 3.11 -16.20 -31.81
N CYS A 118 4.43 -16.23 -32.05
CA CYS A 118 5.09 -15.16 -32.76
C CYS A 118 4.62 -15.05 -34.20
N ARG A 119 4.34 -16.19 -34.86
CA ARG A 119 3.69 -16.12 -36.16
C ARG A 119 2.34 -15.43 -36.09
N GLU A 120 1.55 -15.74 -35.07
CA GLU A 120 0.24 -15.10 -34.98
C GLU A 120 0.38 -13.59 -34.78
N HIS A 121 1.40 -13.15 -34.03
CA HIS A 121 1.64 -11.71 -33.85
C HIS A 121 1.99 -11.05 -35.17
N ASP A 122 2.86 -11.70 -35.96
CA ASP A 122 3.22 -11.17 -37.26
C ASP A 122 2.03 -11.15 -38.20
N GLU A 123 1.13 -12.12 -38.06
CA GLU A 123 -0.09 -12.15 -38.85
C GLU A 123 -0.97 -10.95 -38.51
N LEU A 124 -1.26 -10.76 -37.22
CA LEU A 124 -2.11 -9.65 -36.83
C LEU A 124 -1.47 -8.31 -37.19
N ALA A 125 -0.14 -8.21 -37.12
CA ALA A 125 0.56 -6.98 -37.47
C ALA A 125 0.30 -6.52 -38.90
N LYS A 126 -0.06 -7.44 -39.81
CA LYS A 126 -0.22 -7.03 -41.20
C LYS A 126 -1.42 -6.12 -41.41
N VAL A 127 -2.32 -6.07 -40.43
CA VAL A 127 -3.42 -5.12 -40.42
C VAL A 127 -2.96 -3.68 -40.16
N LEU A 128 -1.75 -3.49 -39.62
CA LEU A 128 -1.31 -2.20 -39.10
C LEU A 128 -0.78 -1.33 -40.24
N GLN A 129 -1.71 -0.77 -41.01
CA GLN A 129 -1.43 0.06 -42.18
C GLN A 129 -2.14 1.40 -42.09
N LEU A 130 -1.43 2.48 -42.45
CA LEU A 130 -2.08 3.79 -42.53
C LEU A 130 -3.29 3.76 -43.47
N ASP A 131 -3.14 3.08 -44.60
CA ASP A 131 -4.18 2.99 -45.63
C ASP A 131 -4.99 1.70 -45.51
N ILE A 132 -5.10 1.15 -44.30
CA ILE A 132 -5.75 -0.14 -44.09
C ILE A 132 -7.11 -0.15 -44.75
N ASP A 133 -7.38 -1.21 -45.51
CA ASP A 133 -8.68 -1.45 -46.10
C ASP A 133 -9.24 -2.71 -45.45
N PRO A 134 -10.25 -2.59 -44.58
CA PRO A 134 -10.75 -3.78 -43.87
C PRO A 134 -11.29 -4.86 -44.80
N SER A 135 -11.65 -4.51 -46.04
CA SER A 135 -12.15 -5.54 -46.95
C SER A 135 -11.04 -6.51 -47.37
N LYS A 136 -9.79 -6.03 -47.45
CA LYS A 136 -8.64 -6.85 -47.82
C LYS A 136 -8.30 -7.90 -46.78
N PHE A 137 -9.06 -8.00 -45.69
CA PHE A 137 -8.87 -9.01 -44.66
C PHE A 137 -10.14 -9.81 -44.47
N GLU A 138 -10.81 -10.11 -45.58
CA GLU A 138 -12.03 -10.91 -45.50
C GLU A 138 -11.70 -12.38 -45.28
N SER A 139 -10.57 -12.85 -45.79
CA SER A 139 -10.19 -14.25 -45.62
C SER A 139 -9.18 -14.44 -44.49
N GLY A 140 -9.06 -13.45 -43.58
CA GLY A 140 -8.18 -13.57 -42.44
C GLY A 140 -8.91 -14.09 -41.20
N ASN A 141 -8.17 -14.17 -40.09
CA ASN A 141 -8.80 -14.61 -38.86
C ASN A 141 -9.65 -13.46 -38.28
N VAL A 142 -10.50 -13.79 -37.31
CA VAL A 142 -11.47 -12.82 -36.83
C VAL A 142 -10.80 -11.65 -36.11
N ARG A 143 -9.58 -11.82 -35.61
CA ARG A 143 -8.92 -10.70 -34.93
C ARG A 143 -8.39 -9.71 -35.94
N GLN A 144 -7.81 -10.19 -37.04
CA GLN A 144 -7.45 -9.33 -38.15
C GLN A 144 -8.67 -8.54 -38.65
N LYS A 145 -9.80 -9.21 -38.82
CA LYS A 145 -10.99 -8.54 -39.35
C LYS A 145 -11.45 -7.43 -38.41
N SER A 146 -11.55 -7.74 -37.11
CA SER A 146 -12.03 -6.74 -36.16
C SER A 146 -11.02 -5.63 -35.96
N LEU A 147 -9.73 -5.97 -35.90
CA LEU A 147 -8.73 -4.95 -35.66
C LEU A 147 -8.68 -3.98 -36.84
N ALA A 148 -8.75 -4.48 -38.07
CA ALA A 148 -8.71 -3.59 -39.22
C ALA A 148 -9.85 -2.60 -39.18
N VAL A 149 -11.03 -3.03 -38.73
CA VAL A 149 -12.21 -2.17 -38.73
C VAL A 149 -12.11 -1.08 -37.66
N VAL A 150 -11.69 -1.45 -36.45
CA VAL A 150 -11.52 -0.44 -35.40
C VAL A 150 -10.35 0.47 -35.72
N LEU A 151 -9.23 -0.11 -36.19
CA LEU A 151 -8.08 0.71 -36.56
C LEU A 151 -8.45 1.74 -37.63
N ARG A 152 -9.23 1.32 -38.63
CA ARG A 152 -9.69 2.24 -39.67
C ARG A 152 -10.31 3.48 -39.03
N LYS A 153 -11.22 3.26 -38.09
CA LYS A 153 -11.92 4.37 -37.44
C LYS A 153 -10.97 5.21 -36.61
N ALA A 154 -10.02 4.57 -35.91
CA ALA A 154 -9.11 5.31 -35.05
C ALA A 154 -8.15 6.18 -35.85
N ILE A 155 -7.79 5.73 -37.06
CA ILE A 155 -7.02 6.58 -37.97
C ILE A 155 -7.85 7.79 -38.38
N ASP A 156 -9.07 7.53 -38.83
CA ASP A 156 -9.90 8.60 -39.40
C ASP A 156 -10.29 9.63 -38.35
N ILE A 157 -10.36 9.25 -37.07
CA ILE A 157 -10.74 10.21 -36.03
C ILE A 157 -9.61 11.19 -35.74
N ASP A 158 -8.36 10.82 -35.99
CA ASP A 158 -7.21 11.66 -35.65
C ASP A 158 -6.05 11.34 -36.59
N PRO A 159 -6.13 11.80 -37.83
CA PRO A 159 -5.09 11.39 -38.81
C PRO A 159 -3.72 11.95 -38.48
N LYS A 160 -3.63 13.05 -37.75
CA LYS A 160 -2.32 13.58 -37.37
C LYS A 160 -1.57 12.62 -36.47
N GLN A 161 -2.27 11.98 -35.52
CA GLN A 161 -1.66 11.05 -34.56
C GLN A 161 -1.54 9.63 -35.11
N ALA A 162 -2.17 9.33 -36.25
CA ALA A 162 -2.23 7.96 -36.74
C ALA A 162 -0.87 7.34 -37.03
N PRO A 163 0.09 8.04 -37.66
CA PRO A 163 1.41 7.41 -37.85
C PRO A 163 2.03 6.96 -36.53
N ALA A 164 1.98 7.82 -35.51
CA ALA A 164 2.56 7.44 -34.23
C ALA A 164 1.82 6.27 -33.61
N MET A 165 0.50 6.24 -33.76
CA MET A 165 -0.27 5.13 -33.20
C MET A 165 0.07 3.82 -33.89
N ILE A 166 0.20 3.84 -35.22
CA ILE A 166 0.57 2.64 -35.98
C ILE A 166 1.97 2.18 -35.63
N GLU A 167 2.93 3.12 -35.58
CA GLU A 167 4.28 2.78 -35.13
C GLU A 167 4.25 2.12 -33.75
N MET A 168 3.47 2.70 -32.83
CA MET A 168 3.34 2.11 -31.49
C MET A 168 2.78 0.71 -31.57
N LEU A 169 1.79 0.49 -32.44
CA LEU A 169 1.12 -0.81 -32.44
C LEU A 169 2.01 -1.89 -33.05
N ARG A 170 2.80 -1.52 -34.07
CA ARG A 170 3.73 -2.46 -34.68
C ARG A 170 4.85 -2.81 -33.71
N HIS A 171 5.37 -1.82 -33.00
CA HIS A 171 6.40 -2.08 -32.00
C HIS A 171 5.90 -3.01 -30.90
N TYR A 172 4.65 -2.81 -30.45
CA TYR A 172 4.03 -3.71 -29.48
C TYR A 172 4.03 -5.16 -29.97
N LEU A 173 3.40 -5.41 -31.12
CA LEU A 173 3.30 -6.80 -31.60
C LEU A 173 4.66 -7.42 -31.90
N ALA A 174 5.68 -6.60 -32.15
CA ALA A 174 7.01 -7.11 -32.44
C ALA A 174 7.79 -7.45 -31.17
N THR A 175 7.45 -6.83 -30.03
CA THR A 175 8.32 -6.96 -28.87
C THR A 175 7.64 -7.42 -27.58
N PHE A 176 6.31 -7.33 -27.47
CA PHE A 176 5.71 -7.60 -26.16
C PHE A 176 5.86 -9.07 -25.74
N ASP A 177 6.00 -10.00 -26.70
CA ASP A 177 5.98 -11.44 -26.44
C ASP A 177 7.09 -12.19 -27.19
N ASN A 178 8.18 -11.49 -27.54
CA ASN A 178 9.16 -12.05 -28.45
C ASN A 178 10.27 -12.81 -27.74
N ILE A 179 10.32 -12.78 -26.40
CA ILE A 179 11.27 -13.56 -25.61
C ILE A 179 10.59 -14.80 -25.09
N GLY A 180 11.23 -15.96 -25.28
CA GLY A 180 10.62 -17.22 -24.91
C GLY A 180 11.02 -17.86 -23.58
N GLY A 181 12.06 -17.40 -22.91
CA GLY A 181 12.58 -18.16 -21.79
C GLY A 181 11.78 -18.02 -20.50
N ASP A 182 12.36 -18.58 -19.44
CA ASP A 182 11.97 -18.20 -18.09
C ASP A 182 12.92 -17.10 -17.63
N PHE A 183 12.45 -16.26 -16.72
CA PHE A 183 13.29 -15.26 -16.11
C PHE A 183 13.68 -15.72 -14.70
N THR A 184 14.88 -15.34 -14.28
CA THR A 184 15.38 -15.78 -12.99
C THR A 184 15.75 -14.63 -12.07
N ARG A 185 15.66 -13.39 -12.54
CA ARG A 185 15.93 -12.22 -11.72
C ARG A 185 14.93 -11.12 -12.04
N MET A 186 14.49 -10.40 -11.00
CA MET A 186 13.53 -9.32 -11.20
C MET A 186 14.12 -8.23 -12.08
N GLU A 187 15.41 -7.93 -11.89
CA GLU A 187 15.99 -6.83 -12.65
C GLU A 187 15.97 -7.09 -14.16
N GLU A 188 15.87 -8.34 -14.58
CA GLU A 188 15.67 -8.60 -16.00
C GLU A 188 14.20 -8.79 -16.36
N TYR A 189 13.39 -9.38 -15.47
CA TYR A 189 11.97 -9.54 -15.75
C TYR A 189 11.24 -8.20 -15.82
N MET A 190 11.56 -7.29 -14.90
CA MET A 190 10.73 -6.09 -14.77
C MET A 190 10.72 -5.24 -16.04
N PRO A 191 11.86 -4.89 -16.65
CA PRO A 191 11.77 -4.12 -17.90
C PRO A 191 10.96 -4.83 -18.97
N TYR A 192 11.07 -6.15 -19.07
CA TYR A 192 10.35 -6.86 -20.13
C TYR A 192 8.85 -6.88 -19.86
N ARG A 193 8.48 -6.97 -18.57
CA ARG A 193 7.07 -7.09 -18.23
C ARG A 193 6.32 -5.77 -18.46
N ILE A 194 6.99 -4.63 -18.38
CA ILE A 194 6.33 -3.39 -18.79
C ILE A 194 5.85 -3.50 -20.24
N ALA A 195 6.69 -4.06 -21.13
CA ALA A 195 6.24 -4.27 -22.51
C ALA A 195 5.19 -5.38 -22.58
N ASN A 196 5.47 -6.52 -21.94
CA ASN A 196 4.61 -7.69 -22.02
C ASN A 196 3.20 -7.39 -21.51
N CYS A 197 3.08 -6.55 -20.47
CA CYS A 197 1.74 -6.24 -19.95
C CYS A 197 1.01 -5.18 -20.78
N GLY A 198 1.60 -4.71 -21.87
CA GLY A 198 0.93 -3.77 -22.75
C GLY A 198 0.99 -2.31 -22.32
N TYR A 199 1.83 -1.98 -21.33
CA TYR A 199 1.82 -0.62 -20.77
C TYR A 199 2.20 0.43 -21.81
N TRP A 200 3.12 0.11 -22.72
CA TRP A 200 3.47 1.12 -23.72
C TRP A 200 2.30 1.37 -24.67
N MET A 201 1.47 0.36 -24.91
CA MET A 201 0.25 0.57 -25.66
C MET A 201 -0.79 1.34 -24.83
N SER A 202 -1.08 0.85 -23.63
CA SER A 202 -2.07 1.50 -22.78
C SER A 202 -1.73 2.96 -22.50
N SER A 203 -0.49 3.22 -22.10
CA SER A 203 -0.15 4.60 -21.75
C SER A 203 -0.17 5.51 -22.98
N TYR A 204 0.18 4.98 -24.16
CA TYR A 204 -0.03 5.76 -25.38
C TYR A 204 -1.50 6.16 -25.51
N PHE A 205 -2.41 5.21 -25.32
CA PHE A 205 -3.82 5.52 -25.50
C PHE A 205 -4.38 6.40 -24.39
N ILE A 206 -3.71 6.47 -23.24
CA ILE A 206 -4.09 7.45 -22.22
C ILE A 206 -3.89 8.86 -22.78
N ARG A 207 -2.75 9.10 -23.43
CA ARG A 207 -2.51 10.40 -24.06
C ARG A 207 -3.45 10.61 -25.25
N TRP A 208 -3.51 9.61 -26.16
CA TRP A 208 -4.35 9.69 -27.34
C TRP A 208 -5.83 9.90 -27.00
N GLY A 209 -6.34 9.21 -25.98
CA GLY A 209 -7.73 9.38 -25.56
C GLY A 209 -8.04 10.78 -25.01
N MET A 210 -7.01 11.53 -24.63
CA MET A 210 -7.17 12.91 -24.18
C MET A 210 -6.84 13.91 -25.30
N ASP A 211 -6.63 13.42 -26.53
CA ASP A 211 -6.29 14.28 -27.68
C ASP A 211 -5.12 15.21 -27.34
N MET A 212 -4.06 14.63 -26.79
CA MET A 212 -2.87 15.39 -26.43
C MET A 212 -1.64 14.53 -26.70
N THR A 213 -0.50 15.18 -26.80
CA THR A 213 0.78 14.49 -26.83
C THR A 213 1.75 15.19 -25.89
N LEU A 214 2.83 14.51 -25.58
CA LEU A 214 3.97 15.09 -24.88
C LEU A 214 5.09 15.30 -25.90
N SER A 215 5.84 16.39 -25.75
CA SER A 215 7.01 16.56 -26.59
C SER A 215 8.11 15.59 -26.15
N GLU A 216 9.15 15.49 -26.98
CA GLU A 216 10.29 14.65 -26.63
C GLU A 216 10.91 15.08 -25.30
N GLU A 217 11.09 16.38 -25.12
CA GLU A 217 11.64 16.93 -23.88
C GLU A 217 10.69 16.72 -22.70
N GLU A 218 9.40 16.92 -22.91
CA GLU A 218 8.43 16.70 -21.85
C GLU A 218 8.45 15.23 -21.41
N TYR A 219 8.41 14.30 -22.38
CA TYR A 219 8.44 12.88 -22.02
C TYR A 219 9.72 12.54 -21.27
N ALA A 220 10.87 13.01 -21.75
CA ALA A 220 12.12 12.63 -21.11
C ALA A 220 12.16 13.10 -19.67
N SER A 221 11.47 14.22 -19.38
CA SER A 221 11.45 14.77 -18.04
C SER A 221 10.59 13.95 -17.08
N ILE A 222 9.72 13.07 -17.57
CA ILE A 222 8.94 12.19 -16.71
C ILE A 222 9.18 10.70 -17.03
N GLU A 223 10.24 10.38 -17.76
CA GLU A 223 10.43 9.01 -18.20
C GLU A 223 10.62 8.03 -17.03
N GLN A 224 11.39 8.42 -16.01
CA GLN A 224 11.60 7.51 -14.88
C GLN A 224 10.32 7.31 -14.10
N PHE A 225 9.54 8.39 -13.93
CA PHE A 225 8.19 8.27 -13.39
C PHE A 225 7.35 7.29 -14.20
N ASP A 226 7.34 7.46 -15.53
CA ASP A 226 6.55 6.59 -16.40
C ASP A 226 6.95 5.11 -16.24
N ILE A 227 8.24 4.85 -16.05
CA ILE A 227 8.69 3.48 -15.93
C ILE A 227 8.24 2.88 -14.61
N ALA A 228 8.31 3.69 -13.54
CA ALA A 228 7.86 3.20 -12.24
C ALA A 228 6.38 2.84 -12.28
N MET A 229 5.53 3.73 -12.82
CA MET A 229 4.10 3.45 -13.05
C MET A 229 3.88 2.22 -13.91
N GLY A 230 4.64 2.08 -14.99
CA GLY A 230 4.58 0.84 -15.75
C GLY A 230 4.88 -0.39 -14.91
N ASN A 231 5.91 -0.29 -14.06
CA ASN A 231 6.23 -1.38 -13.15
C ASN A 231 5.05 -1.68 -12.24
N VAL A 232 4.47 -0.64 -11.62
CA VAL A 232 3.32 -0.86 -10.73
C VAL A 232 2.22 -1.60 -11.48
N LEU A 233 1.91 -1.16 -12.70
CA LEU A 233 0.74 -1.64 -13.42
C LEU A 233 0.83 -3.13 -13.72
N GLY A 234 1.94 -3.56 -14.32
CA GLY A 234 2.09 -4.96 -14.69
C GLY A 234 2.33 -5.89 -13.51
N LEU A 235 3.11 -5.44 -12.53
CA LEU A 235 3.37 -6.26 -11.35
C LEU A 235 2.12 -6.39 -10.48
N THR A 236 1.27 -5.37 -10.47
CA THR A 236 -0.01 -5.49 -9.76
C THR A 236 -0.91 -6.50 -10.45
N ASN A 237 -0.94 -6.49 -11.79
CA ASN A 237 -1.64 -7.56 -12.48
C ASN A 237 -1.07 -8.93 -12.11
N ASP A 238 0.27 -9.06 -12.09
CA ASP A 238 0.89 -10.32 -11.67
C ASP A 238 0.36 -10.75 -10.32
N TYR A 239 0.33 -9.80 -9.38
CA TYR A 239 -0.12 -10.10 -8.02
C TYR A 239 -1.54 -10.67 -8.03
N PHE A 240 -2.44 -10.01 -8.74
CA PHE A 240 -3.83 -10.45 -8.73
C PHE A 240 -4.10 -11.63 -9.67
N SER A 241 -3.27 -11.85 -10.69
CA SER A 241 -3.56 -12.91 -11.66
C SER A 241 -2.73 -14.17 -11.42
N TRP A 242 -1.95 -14.20 -10.33
CA TRP A 242 -1.15 -15.37 -10.00
C TRP A 242 -2.00 -16.63 -9.82
N ASN A 243 -3.09 -16.53 -9.05
CA ASN A 243 -3.92 -17.72 -8.80
C ASN A 243 -4.39 -18.37 -10.11
N ILE A 244 -4.89 -17.56 -11.04
CA ILE A 244 -5.33 -18.14 -12.32
C ILE A 244 -4.16 -18.53 -13.20
N GLU A 245 -3.02 -17.84 -13.09
CA GLU A 245 -1.92 -18.15 -13.98
C GLU A 245 -1.07 -19.34 -13.53
N LYS A 246 -1.03 -19.62 -12.23
CA LYS A 246 -0.02 -20.55 -11.71
C LYS A 246 -0.16 -21.94 -12.32
N ASP A 247 -1.39 -22.40 -12.59
CA ASP A 247 -1.60 -23.71 -13.20
C ASP A 247 -1.85 -23.65 -14.71
N GLN A 248 -1.83 -22.45 -15.32
CA GLN A 248 -1.98 -22.34 -16.78
C GLN A 248 -0.93 -23.20 -17.47
N GLU A 249 -1.30 -23.78 -18.61
CA GLU A 249 -0.32 -24.56 -19.37
C GLU A 249 0.30 -23.66 -20.41
N THR A 250 1.54 -23.22 -20.13
CA THR A 250 2.25 -22.27 -20.97
C THR A 250 3.71 -22.68 -21.00
N ASP A 251 4.40 -22.33 -22.08
CA ASP A 251 5.83 -22.53 -22.14
C ASP A 251 6.58 -21.28 -21.73
N ARG A 252 5.86 -20.24 -21.29
CA ARG A 252 6.48 -18.98 -20.91
C ARG A 252 5.60 -18.22 -19.90
N MET A 253 5.54 -18.73 -18.67
CA MET A 253 4.86 -18.00 -17.61
C MET A 253 5.46 -16.60 -17.46
N ARG A 254 4.58 -15.61 -17.29
CA ARG A 254 5.03 -14.24 -17.06
C ARG A 254 4.37 -13.73 -15.78
N ASN A 255 5.06 -13.87 -14.65
CA ASN A 255 4.50 -13.45 -13.36
C ASN A 255 5.63 -13.26 -12.36
N GLY A 256 5.69 -12.08 -11.75
CA GLY A 256 6.72 -11.80 -10.78
C GLY A 256 6.80 -12.80 -9.65
N VAL A 257 5.69 -13.50 -9.34
CA VAL A 257 5.73 -14.44 -8.22
C VAL A 257 6.71 -15.57 -8.51
N VAL A 258 6.62 -16.15 -9.71
CA VAL A 258 7.51 -17.26 -10.03
C VAL A 258 8.94 -16.78 -10.20
N VAL A 259 9.14 -15.57 -10.74
CA VAL A 259 10.49 -15.00 -10.85
C VAL A 259 11.12 -14.89 -9.47
N LEU A 260 10.41 -14.27 -8.53
CA LEU A 260 10.94 -14.12 -7.17
C LEU A 260 11.14 -15.48 -6.50
N MET A 261 10.28 -16.47 -6.77
CA MET A 261 10.48 -17.80 -6.20
C MET A 261 11.83 -18.35 -6.61
N LYS A 262 12.23 -18.11 -7.86
CA LYS A 262 13.47 -18.64 -8.43
C LYS A 262 14.66 -17.84 -7.94
N GLU A 263 14.55 -16.51 -7.93
CA GLU A 263 15.66 -15.64 -7.54
C GLU A 263 16.03 -15.81 -6.07
N HIS A 264 15.05 -16.04 -5.20
CA HIS A 264 15.29 -16.09 -3.76
C HIS A 264 14.99 -17.44 -3.14
N HIS A 265 14.55 -18.43 -3.94
CA HIS A 265 14.31 -19.80 -3.48
C HIS A 265 13.33 -19.84 -2.30
N THR A 266 12.14 -19.30 -2.54
CA THR A 266 11.10 -19.22 -1.52
C THR A 266 9.84 -19.91 -2.03
N THR A 267 8.89 -20.08 -1.12
CA THR A 267 7.58 -20.57 -1.47
C THR A 267 6.83 -19.53 -2.30
N ALA A 268 5.74 -19.99 -2.94
CA ALA A 268 4.86 -19.08 -3.66
C ALA A 268 4.35 -17.97 -2.75
N ASP A 269 3.91 -18.34 -1.54
CA ASP A 269 3.30 -17.38 -0.63
C ASP A 269 4.30 -16.31 -0.21
N ALA A 270 5.52 -16.73 0.11
CA ALA A 270 6.53 -15.77 0.52
C ALA A 270 6.91 -14.86 -0.64
N ALA A 271 6.92 -15.40 -1.87
CA ALA A 271 7.26 -14.61 -3.05
C ALA A 271 6.16 -13.60 -3.39
N LYS A 272 4.90 -13.98 -3.14
CA LYS A 272 3.80 -13.07 -3.41
C LYS A 272 3.77 -11.91 -2.42
N MET A 273 4.14 -12.16 -1.16
CA MET A 273 4.35 -11.05 -0.22
C MET A 273 5.47 -10.13 -0.68
N MET A 274 6.58 -10.71 -1.10
CA MET A 274 7.67 -9.89 -1.63
C MET A 274 7.20 -9.03 -2.81
N LEU A 275 6.42 -9.64 -3.72
CA LEU A 275 5.94 -8.91 -4.88
C LEU A 275 5.10 -7.71 -4.47
N LEU A 276 4.22 -7.88 -3.49
CA LEU A 276 3.39 -6.78 -3.05
C LEU A 276 4.24 -5.65 -2.49
N GLY A 277 5.30 -5.99 -1.75
CA GLY A 277 6.21 -4.96 -1.27
C GLY A 277 6.94 -4.25 -2.40
N VAL A 278 7.39 -5.01 -3.41
CA VAL A 278 8.00 -4.40 -4.60
C VAL A 278 7.03 -3.40 -5.23
N ILE A 279 5.74 -3.77 -5.32
CA ILE A 279 4.78 -2.88 -5.98
C ILE A 279 4.62 -1.60 -5.19
N VAL A 280 4.45 -1.73 -3.87
CA VAL A 280 4.24 -0.57 -3.01
C VAL A 280 5.44 0.35 -3.08
N GLU A 281 6.66 -0.20 -3.07
CA GLU A 281 7.82 0.67 -3.21
C GLU A 281 7.89 1.35 -4.57
N GLN A 282 7.41 0.71 -5.63
CA GLN A 282 7.37 1.41 -6.91
C GLN A 282 6.30 2.49 -6.92
N GLU A 283 5.15 2.28 -6.22
CA GLU A 283 4.19 3.37 -6.12
C GLU A 283 4.80 4.57 -5.42
N SER A 284 5.61 4.32 -4.37
CA SER A 284 6.30 5.41 -3.66
C SER A 284 7.39 6.05 -4.52
N LEU A 285 8.17 5.24 -5.22
CA LEU A 285 9.17 5.79 -6.15
C LEU A 285 8.51 6.72 -7.18
N ALA A 286 7.40 6.27 -7.78
CA ALA A 286 6.70 7.13 -8.73
C ALA A 286 6.29 8.44 -8.08
N ALA A 287 5.76 8.35 -6.85
CA ALA A 287 5.36 9.58 -6.15
C ALA A 287 6.55 10.49 -5.90
N LYS A 288 7.71 9.93 -5.55
CA LYS A 288 8.89 10.77 -5.37
C LYS A 288 9.29 11.43 -6.67
N LEU A 289 9.33 10.64 -7.76
CA LEU A 289 9.76 11.16 -9.05
C LEU A 289 8.83 12.27 -9.53
N LYS A 290 7.53 12.13 -9.29
CA LYS A 290 6.61 13.21 -9.64
C LYS A 290 6.90 14.47 -8.84
N GLU A 291 7.19 14.29 -7.54
CA GLU A 291 7.49 15.41 -6.67
C GLU A 291 8.72 16.17 -7.15
N GLU A 292 9.77 15.44 -7.55
CA GLU A 292 10.98 16.07 -8.06
C GLU A 292 10.71 16.85 -9.34
N ARG A 293 9.99 16.23 -10.30
CA ARG A 293 9.62 16.90 -11.54
C ARG A 293 8.91 18.22 -11.28
N LEU A 294 8.01 18.22 -10.32
CA LEU A 294 7.15 19.37 -10.09
C LEU A 294 7.86 20.49 -9.33
N LYS A 295 9.14 20.32 -9.01
CA LYS A 295 9.96 21.44 -8.55
C LYS A 295 10.41 22.34 -9.70
N LYS A 296 10.28 21.90 -10.93
CA LYS A 296 10.45 22.75 -12.10
C LYS A 296 9.10 23.06 -12.73
N PRO A 297 9.01 24.11 -13.55
CA PRO A 297 7.72 24.44 -14.18
C PRO A 297 7.25 23.30 -15.08
N ALA A 298 5.95 23.05 -15.04
CA ALA A 298 5.36 21.91 -15.72
C ALA A 298 4.24 22.40 -16.61
N SER A 299 4.27 21.99 -17.88
CA SER A 299 3.20 22.35 -18.79
C SER A 299 1.88 21.67 -18.40
N LYS A 300 0.79 22.25 -18.89
CA LYS A 300 -0.52 21.63 -18.73
C LYS A 300 -0.53 20.18 -19.21
N GLU A 301 0.19 19.89 -20.30
CA GLU A 301 0.21 18.54 -20.82
C GLU A 301 0.89 17.58 -19.84
N ILE A 302 2.01 18.02 -19.23
CA ILE A 302 2.63 17.21 -18.17
C ILE A 302 1.64 16.97 -17.05
N LEU A 303 0.95 18.01 -16.61
CA LEU A 303 0.01 17.85 -15.49
C LEU A 303 -1.11 16.90 -15.84
N GLN A 304 -1.65 16.95 -17.06
CA GLN A 304 -2.74 16.04 -17.35
C GLN A 304 -2.26 14.61 -17.58
N TYR A 305 -1.02 14.41 -18.05
CA TYR A 305 -0.50 13.05 -18.09
C TYR A 305 -0.37 12.48 -16.67
N PHE A 306 0.19 13.26 -15.73
CA PHE A 306 0.28 12.81 -14.34
C PHE A 306 -1.09 12.37 -13.82
N GLU A 307 -2.08 13.22 -13.96
CA GLU A 307 -3.41 12.93 -13.42
C GLU A 307 -4.01 11.69 -14.07
N ALA A 308 -3.95 11.62 -15.40
CA ALA A 308 -4.61 10.51 -16.10
C ALA A 308 -3.88 9.19 -15.88
N ILE A 309 -2.54 9.21 -15.86
CA ILE A 309 -1.83 7.95 -15.66
C ILE A 309 -2.00 7.45 -14.22
N GLU A 310 -2.13 8.37 -13.25
CA GLU A 310 -2.42 7.94 -11.89
C GLU A 310 -3.82 7.28 -11.80
N LEU A 311 -4.81 7.84 -12.50
CA LEU A 311 -6.12 7.19 -12.56
C LEU A 311 -6.04 5.85 -13.29
N TYR A 312 -5.19 5.75 -14.30
CA TYR A 312 -5.01 4.48 -14.97
C TYR A 312 -4.47 3.43 -13.99
N VAL A 313 -3.39 3.75 -13.28
CA VAL A 313 -2.75 2.79 -12.39
C VAL A 313 -3.62 2.50 -11.17
N GLY A 314 -4.21 3.54 -10.57
CA GLY A 314 -5.09 3.31 -9.42
C GLY A 314 -6.35 2.57 -9.79
N GLY A 315 -6.99 2.98 -10.90
CA GLY A 315 -8.14 2.24 -11.42
C GLY A 315 -7.80 0.80 -11.76
N SER A 316 -6.62 0.57 -12.32
CA SER A 316 -6.28 -0.82 -12.64
C SER A 316 -6.21 -1.68 -11.38
N CYS A 317 -5.60 -1.16 -10.32
CA CYS A 317 -5.57 -1.88 -9.05
C CYS A 317 -6.99 -2.18 -8.58
N TYR A 318 -7.84 -1.17 -8.65
CA TYR A 318 -9.21 -1.28 -8.16
C TYR A 318 -9.97 -2.35 -8.93
N TRP A 319 -9.91 -2.28 -10.27
CA TRP A 319 -10.59 -3.29 -11.09
C TRP A 319 -10.01 -4.69 -10.88
N HIS A 320 -8.67 -4.83 -10.83
CA HIS A 320 -8.09 -6.16 -10.65
C HIS A 320 -8.53 -6.78 -9.34
N SER A 321 -8.63 -5.95 -8.29
CA SER A 321 -8.98 -6.39 -6.94
C SER A 321 -10.21 -7.29 -6.92
N THR A 322 -11.18 -7.00 -7.77
CA THR A 322 -12.48 -7.64 -7.69
C THR A 322 -12.94 -8.25 -9.00
N ALA A 323 -12.13 -8.22 -10.04
CA ALA A 323 -12.56 -8.66 -11.36
C ALA A 323 -12.84 -10.15 -11.37
N PRO A 324 -13.99 -10.59 -11.87
CA PRO A 324 -14.24 -12.05 -12.02
C PRO A 324 -13.18 -12.77 -12.85
N ARG A 325 -12.52 -12.09 -13.80
CA ARG A 325 -11.47 -12.71 -14.61
C ARG A 325 -10.45 -13.49 -13.77
N TYR A 326 -10.05 -12.93 -12.63
CA TYR A 326 -8.96 -13.50 -11.84
C TYR A 326 -9.46 -14.41 -10.71
N GLN A 327 -10.77 -14.64 -10.65
CA GLN A 327 -11.36 -15.50 -9.62
C GLN A 327 -12.19 -16.65 -10.21
N VAL A 328 -12.75 -16.49 -11.40
CA VAL A 328 -13.69 -17.46 -11.96
C VAL A 328 -12.99 -18.21 -13.08
N PHE A 329 -12.43 -19.37 -12.76
CA PHE A 329 -11.65 -20.12 -13.74
C PHE A 329 -11.78 -21.62 -13.49
N GLU A 330 -11.39 -22.36 -14.53
CA GLU A 330 -11.37 -23.82 -14.63
C GLU A 330 -11.04 -24.54 -13.33
N SER B 18 -14.21 16.69 17.66
CA SER B 18 -13.50 17.52 16.65
C SER B 18 -12.23 18.12 17.25
N VAL B 19 -11.22 17.30 17.47
CA VAL B 19 -10.00 17.79 18.16
C VAL B 19 -8.80 17.64 17.23
N PHE B 20 -9.02 17.42 15.93
CA PHE B 20 -7.88 17.19 15.05
C PHE B 20 -8.20 17.65 13.63
N GLU B 21 -7.15 18.01 12.90
CA GLU B 21 -7.23 18.32 11.49
C GLU B 21 -6.67 17.15 10.67
N THR B 22 -7.33 16.84 9.57
CA THR B 22 -6.92 15.74 8.72
C THR B 22 -5.69 16.13 7.92
N LEU B 23 -4.70 15.24 7.85
CA LEU B 23 -3.50 15.44 7.06
C LEU B 23 -3.65 14.80 5.68
N GLN B 24 -2.87 15.33 4.72
CA GLN B 24 -2.87 14.84 3.34
C GLN B 24 -1.68 13.90 3.18
N GLY B 25 -1.91 12.62 3.48
CA GLY B 25 -0.83 11.66 3.45
C GLY B 25 -0.30 11.42 2.05
N TYR B 26 -1.14 11.55 1.03
CA TYR B 26 -0.71 11.31 -0.35
C TYR B 26 0.45 12.21 -0.76
N LYS B 27 0.64 13.34 -0.07
CA LYS B 27 1.77 14.23 -0.36
C LYS B 27 3.10 13.69 0.13
N VAL B 28 3.10 12.68 0.99
CA VAL B 28 4.34 12.07 1.47
C VAL B 28 4.58 10.80 0.64
N PRO B 29 5.55 10.79 -0.26
CA PRO B 29 5.73 9.61 -1.11
C PRO B 29 5.90 8.30 -0.36
N VAL B 30 6.63 8.26 0.78
CA VAL B 30 6.84 6.98 1.46
C VAL B 30 5.70 6.59 2.39
N PHE B 31 4.73 7.46 2.61
CA PHE B 31 3.53 7.07 3.33
C PHE B 31 2.69 6.14 2.45
N PHE B 32 2.51 4.88 2.88
CA PHE B 32 1.84 3.88 2.06
C PHE B 32 0.50 3.38 2.62
N SER B 33 0.17 3.72 3.87
CA SER B 33 -0.99 3.13 4.52
C SER B 33 -2.28 3.53 3.80
N ARG B 34 -3.29 2.66 3.88
CA ARG B 34 -4.64 2.97 3.43
C ARG B 34 -5.41 3.76 4.48
N TYR B 35 -4.85 3.93 5.67
CA TYR B 35 -5.63 4.48 6.77
C TYR B 35 -5.33 5.96 6.97
N PRO B 36 -6.30 6.74 7.48
CA PRO B 36 -6.13 8.19 7.53
C PRO B 36 -5.15 8.63 8.61
N ALA B 37 -4.78 9.91 8.54
CA ALA B 37 -3.90 10.53 9.51
C ALA B 37 -4.43 11.92 9.86
N GLY B 38 -4.32 12.27 11.15
CA GLY B 38 -4.72 13.58 11.63
C GLY B 38 -3.70 14.12 12.60
N ILE B 39 -3.91 15.37 13.04
CA ILE B 39 -3.04 16.01 14.03
C ILE B 39 -3.90 16.84 14.98
N SER B 40 -3.58 16.73 16.28
CA SER B 40 -4.36 17.37 17.32
C SER B 40 -4.32 18.89 17.21
N ILE B 41 -5.47 19.52 17.47
CA ILE B 41 -5.53 20.97 17.61
C ILE B 41 -4.72 21.47 18.79
N ALA B 42 -4.37 20.58 19.73
CA ALA B 42 -3.59 20.93 20.90
C ALA B 42 -2.12 20.56 20.76
N ALA B 43 -1.63 20.51 19.53
CA ALA B 43 -0.26 20.02 19.29
C ALA B 43 0.76 20.81 20.10
N GLN B 44 0.65 22.13 20.11
CA GLN B 44 1.70 22.93 20.74
C GLN B 44 1.73 22.69 22.25
N GLU B 45 0.56 22.67 22.89
CA GLU B 45 0.49 22.37 24.32
C GLU B 45 1.17 21.04 24.64
N VAL B 46 0.77 19.99 23.91
CA VAL B 46 1.30 18.65 24.15
C VAL B 46 2.82 18.63 23.98
N GLU B 47 3.34 19.30 22.94
CA GLU B 47 4.79 19.29 22.74
C GLU B 47 5.54 19.98 23.87
N ASP B 48 4.96 21.04 24.46
CA ASP B 48 5.62 21.69 25.58
C ASP B 48 5.71 20.74 26.77
N ALA B 49 4.59 20.12 27.12
CA ALA B 49 4.55 19.10 28.17
C ALA B 49 5.52 17.96 27.90
N LEU B 50 5.63 17.55 26.64
CA LEU B 50 6.56 16.46 26.31
C LEU B 50 8.02 16.89 26.54
N ARG B 51 8.39 18.08 26.05
CA ARG B 51 9.73 18.59 26.31
C ARG B 51 9.99 18.72 27.81
N LYS B 52 8.96 19.11 28.56
CA LYS B 52 9.10 19.23 30.01
C LYS B 52 9.43 17.89 30.63
N ILE B 53 8.68 16.84 30.26
CA ILE B 53 8.92 15.55 30.90
C ILE B 53 10.21 14.92 30.38
N ASP B 54 10.63 15.25 29.16
CA ASP B 54 11.92 14.74 28.68
C ASP B 54 13.09 15.23 29.52
N GLU B 55 12.99 16.46 30.04
CA GLU B 55 14.04 17.00 30.92
C GLU B 55 14.01 16.31 32.27
N GLU B 56 12.81 15.97 32.74
CA GLU B 56 12.62 15.39 34.06
C GLU B 56 12.90 13.88 34.08
N ALA B 57 12.48 13.16 33.04
CA ALA B 57 12.57 11.71 33.01
C ALA B 57 13.84 11.20 32.34
N SER B 58 14.71 12.07 31.86
CA SER B 58 16.01 11.68 31.32
C SER B 58 17.06 12.68 31.75
N GLU B 59 18.28 12.19 31.95
CA GLU B 59 19.37 12.99 32.51
C GLU B 59 20.19 13.65 31.40
N GLU B 60 20.64 14.88 31.67
CA GLU B 60 21.39 15.66 30.69
C GLU B 60 22.60 14.90 30.18
N GLY B 61 22.83 14.97 28.87
CA GLY B 61 23.99 14.35 28.28
C GLY B 61 23.96 12.84 28.16
N THR B 62 22.85 12.19 28.53
CA THR B 62 22.76 10.75 28.36
C THR B 62 22.34 10.40 26.94
N ARG B 63 22.59 9.14 26.56
CA ARG B 63 22.07 8.63 25.30
C ARG B 63 20.57 8.86 25.19
N GLU B 64 19.83 8.47 26.23
CA GLU B 64 18.37 8.50 26.14
C GLU B 64 17.82 9.93 26.10
N ARG B 65 18.52 10.90 26.70
CA ARG B 65 18.13 12.30 26.55
C ARG B 65 18.19 12.73 25.09
N ARG B 66 19.32 12.45 24.43
CA ARG B 66 19.49 12.85 23.02
C ARG B 66 18.49 12.15 22.12
N ARG B 67 18.28 10.83 22.33
CA ARG B 67 17.27 10.12 21.55
C ARG B 67 15.90 10.71 21.76
N ALA B 68 15.61 11.20 22.97
CA ALA B 68 14.31 11.81 23.20
C ALA B 68 14.21 13.15 22.48
N LEU B 69 15.30 13.92 22.43
CA LEU B 69 15.26 15.18 21.70
C LEU B 69 15.06 14.92 20.21
N ILE B 70 15.85 13.99 19.65
CA ILE B 70 15.65 13.59 18.26
C ILE B 70 14.23 13.10 18.01
N ARG B 71 13.64 12.39 18.98
CA ARG B 71 12.30 11.88 18.79
C ARG B 71 11.29 13.00 18.64
N HIS B 72 11.58 14.19 19.15
CA HIS B 72 10.62 15.29 19.12
C HIS B 72 11.10 16.46 18.26
N THR B 73 11.85 16.16 17.20
CA THR B 73 12.27 17.22 16.29
C THR B 73 11.20 17.56 15.25
N ASN B 74 10.44 16.57 14.77
CA ASN B 74 9.09 16.84 14.27
C ASN B 74 8.91 17.69 13.01
N PRO B 75 9.68 17.53 11.94
CA PRO B 75 9.38 18.32 10.73
C PRO B 75 7.94 18.16 10.26
N TYR B 76 7.30 17.03 10.54
CA TYR B 76 5.93 16.77 10.09
C TYR B 76 4.94 16.68 11.23
N GLY B 77 5.37 16.88 12.46
CA GLY B 77 4.48 16.69 13.59
C GLY B 77 5.07 15.73 14.62
N ASP B 78 4.51 15.76 15.82
CA ASP B 78 5.04 14.96 16.92
C ASP B 78 4.40 13.57 16.89
N PRO B 79 5.16 12.52 17.25
CA PRO B 79 4.55 11.19 17.29
C PRO B 79 3.20 11.16 17.97
N PHE B 80 3.10 11.82 19.13
CA PHE B 80 1.89 11.71 19.94
C PHE B 80 0.75 12.59 19.42
N THR B 81 1.05 13.79 18.91
CA THR B 81 -0.02 14.66 18.43
C THR B 81 -0.69 14.09 17.19
N ILE B 82 0.05 13.33 16.39
CA ILE B 82 -0.52 12.67 15.22
C ILE B 82 -1.27 11.39 15.62
N CYS B 83 -0.55 10.41 16.18
CA CYS B 83 -1.15 9.08 16.35
C CYS B 83 -2.36 9.14 17.27
N HIS B 84 -2.28 9.93 18.34
CA HIS B 84 -3.36 10.07 19.29
C HIS B 84 -4.16 11.35 19.07
N CYS B 85 -4.30 11.76 17.80
CA CYS B 85 -4.98 13.02 17.50
C CYS B 85 -6.46 12.97 17.85
N SER B 86 -7.02 11.78 18.08
CA SER B 86 -8.43 11.66 18.40
C SER B 86 -8.78 11.93 19.87
N ALA B 87 -7.79 12.18 20.74
CA ALA B 87 -8.02 12.30 22.18
C ALA B 87 -8.41 13.72 22.58
N PHE B 88 -9.31 13.83 23.57
CA PHE B 88 -9.53 15.12 24.21
C PHE B 88 -8.19 15.72 24.65
N PRO B 89 -7.99 17.02 24.48
CA PRO B 89 -6.64 17.58 24.70
C PRO B 89 -6.13 17.43 26.13
N ASP B 90 -6.99 17.46 27.14
CA ASP B 90 -6.48 17.28 28.51
C ASP B 90 -5.90 15.89 28.70
N ARG B 91 -6.60 14.87 28.19
CA ARG B 91 -6.10 13.50 28.29
C ARG B 91 -4.86 13.30 27.41
N LEU B 92 -4.83 13.95 26.25
CA LEU B 92 -3.70 13.78 25.32
C LEU B 92 -2.38 14.16 25.99
N ALA B 93 -2.35 15.31 26.69
CA ALA B 93 -1.11 15.69 27.35
C ALA B 93 -0.73 14.69 28.44
N LEU B 94 -1.71 14.07 29.08
CA LEU B 94 -1.40 13.11 30.15
C LEU B 94 -0.87 11.79 29.55
N LEU B 95 -1.66 11.15 28.68
CA LEU B 95 -1.23 9.88 28.10
C LEU B 95 0.04 10.03 27.26
N SER B 96 0.26 11.18 26.62
CA SER B 96 1.47 11.34 25.82
C SER B 96 2.72 11.37 26.70
N CYS B 97 2.68 12.13 27.80
CA CYS B 97 3.83 12.15 28.69
C CYS B 97 4.00 10.81 29.41
N LEU B 98 2.90 10.10 29.69
CA LEU B 98 3.02 8.78 30.31
C LEU B 98 3.72 7.82 29.36
N VAL B 99 3.20 7.67 28.13
CA VAL B 99 3.84 6.78 27.17
C VAL B 99 5.27 7.22 26.89
N GLU B 100 5.52 8.54 26.90
CA GLU B 100 6.87 9.04 26.59
C GLU B 100 7.88 8.56 27.62
N VAL B 101 7.50 8.54 28.90
CA VAL B 101 8.37 7.96 29.91
C VAL B 101 8.63 6.48 29.61
N MET B 102 7.60 5.76 29.15
CA MET B 102 7.79 4.37 28.74
C MET B 102 8.76 4.27 27.56
N TRP B 103 8.69 5.22 26.64
CA TRP B 103 9.58 5.23 25.47
C TRP B 103 11.03 5.51 25.87
N ILE B 104 11.26 6.51 26.73
CA ILE B 104 12.60 6.69 27.29
C ILE B 104 13.07 5.41 27.95
N HIS B 105 12.20 4.81 28.77
CA HIS B 105 12.51 3.54 29.40
C HIS B 105 12.91 2.48 28.37
N ASP B 106 12.20 2.44 27.24
CA ASP B 106 12.55 1.48 26.20
C ASP B 106 13.93 1.75 25.65
N ASP B 107 14.22 3.01 25.31
CA ASP B 107 15.53 3.37 24.81
C ASP B 107 16.62 2.98 25.81
N VAL B 108 16.34 3.13 27.11
CA VAL B 108 17.34 2.77 28.12
C VAL B 108 17.53 1.26 28.18
N THR B 109 16.43 0.51 28.33
CA THR B 109 16.53 -0.91 28.68
C THR B 109 16.86 -1.81 27.51
N GLU B 110 16.54 -1.42 26.27
CA GLU B 110 16.89 -2.23 25.11
C GLU B 110 18.39 -2.51 25.07
N GLU B 111 19.20 -1.54 25.48
CA GLU B 111 20.65 -1.59 25.40
C GLU B 111 21.29 -2.24 26.60
N MET B 112 20.48 -2.71 27.55
CA MET B 112 20.92 -3.49 28.70
C MET B 112 20.74 -4.97 28.40
N ASP B 113 21.55 -5.81 29.05
CA ASP B 113 21.31 -7.24 28.96
C ASP B 113 19.92 -7.57 29.50
N HIS B 114 19.38 -8.71 29.05
CA HIS B 114 17.95 -8.97 29.28
C HIS B 114 17.61 -9.01 30.77
N ILE B 115 18.42 -9.70 31.56
CA ILE B 115 18.18 -9.79 33.00
C ILE B 115 18.17 -8.41 33.63
N SER B 116 19.17 -7.58 33.30
CA SER B 116 19.21 -6.22 33.85
C SER B 116 17.99 -5.43 33.42
N ALA B 117 17.60 -5.54 32.15
CA ALA B 117 16.39 -4.87 31.68
C ALA B 117 15.15 -5.31 32.47
N CYS B 118 14.97 -6.62 32.64
CA CYS B 118 13.80 -7.12 33.39
C CYS B 118 13.76 -6.57 34.80
N ARG B 119 14.92 -6.52 35.48
CA ARG B 119 14.97 -5.89 36.79
C ARG B 119 14.51 -4.43 36.74
N GLU B 120 14.94 -3.71 35.70
CA GLU B 120 14.51 -2.32 35.56
C GLU B 120 13.02 -2.22 35.29
N HIS B 121 12.46 -3.16 34.49
CA HIS B 121 11.01 -3.15 34.30
C HIS B 121 10.28 -3.39 35.61
N ASP B 122 10.79 -4.33 36.43
CA ASP B 122 10.19 -4.59 37.73
C ASP B 122 10.31 -3.37 38.65
N GLU B 123 11.48 -2.74 38.69
CA GLU B 123 11.63 -1.53 39.49
C GLU B 123 10.66 -0.44 39.06
N LEU B 124 10.50 -0.25 37.75
CA LEU B 124 9.58 0.79 37.27
C LEU B 124 8.14 0.48 37.64
N ALA B 125 7.76 -0.81 37.63
CA ALA B 125 6.37 -1.18 37.91
C ALA B 125 5.97 -0.92 39.36
N LYS B 126 6.93 -0.70 40.27
CA LYS B 126 6.58 -0.41 41.66
C LYS B 126 5.77 0.87 41.78
N VAL B 127 5.93 1.79 40.82
CA VAL B 127 5.14 3.01 40.77
C VAL B 127 3.67 2.78 40.43
N LEU B 128 3.33 1.63 39.84
CA LEU B 128 2.02 1.46 39.23
C LEU B 128 1.02 0.97 40.29
N GLN B 129 0.48 1.95 41.03
CA GLN B 129 -0.50 1.66 42.08
C GLN B 129 -1.60 2.71 42.07
N LEU B 130 -2.82 2.26 42.39
CA LEU B 130 -3.98 3.15 42.40
C LEU B 130 -3.82 4.31 43.38
N ASP B 131 -3.09 4.11 44.48
CA ASP B 131 -2.89 5.18 45.43
C ASP B 131 -1.43 5.63 45.42
N ILE B 132 -0.86 5.82 44.23
CA ILE B 132 0.54 6.25 44.14
C ILE B 132 0.70 7.59 44.85
N ASP B 133 1.73 7.67 45.69
CA ASP B 133 2.15 8.94 46.25
C ASP B 133 3.48 9.34 45.62
N PRO B 134 3.50 10.30 44.70
CA PRO B 134 4.74 10.58 43.96
C PRO B 134 5.92 10.94 44.84
N SER B 135 5.70 11.64 45.96
CA SER B 135 6.79 11.97 46.87
C SER B 135 7.48 10.74 47.43
N LYS B 136 6.81 9.58 47.45
CA LYS B 136 7.43 8.34 47.88
C LYS B 136 8.55 7.88 46.95
N PHE B 137 8.75 8.55 45.82
CA PHE B 137 9.70 8.10 44.81
C PHE B 137 10.72 9.14 44.41
N GLU B 138 10.85 10.24 45.16
CA GLU B 138 11.84 11.26 44.84
C GLU B 138 13.27 10.72 44.93
N SER B 139 13.48 9.63 45.66
CA SER B 139 14.78 8.97 45.74
C SER B 139 14.98 7.92 44.64
N GLY B 140 13.93 7.53 43.93
CA GLY B 140 14.04 6.57 42.86
C GLY B 140 14.67 7.17 41.61
N ASN B 141 14.77 6.35 40.56
CA ASN B 141 15.37 6.85 39.33
C ASN B 141 14.40 7.81 38.63
N VAL B 142 14.93 8.57 37.67
CA VAL B 142 14.17 9.68 37.12
C VAL B 142 12.91 9.22 36.39
N ARG B 143 12.90 7.97 35.88
CA ARG B 143 11.71 7.45 35.22
C ARG B 143 10.63 7.05 36.23
N GLN B 144 11.00 6.45 37.37
CA GLN B 144 10.04 6.22 38.43
C GLN B 144 9.44 7.54 38.90
N LYS B 145 10.31 8.51 39.23
CA LYS B 145 9.86 9.85 39.61
C LYS B 145 8.83 10.41 38.63
N SER B 146 9.20 10.53 37.35
CA SER B 146 8.29 11.18 36.40
C SER B 146 7.03 10.36 36.19
N LEU B 147 7.14 9.03 36.14
CA LEU B 147 5.95 8.21 35.89
C LEU B 147 4.95 8.35 37.02
N ALA B 148 5.43 8.36 38.28
CA ALA B 148 4.52 8.50 39.41
C ALA B 148 3.74 9.80 39.36
N VAL B 149 4.44 10.91 39.06
CA VAL B 149 3.78 12.21 38.97
C VAL B 149 2.65 12.17 37.95
N VAL B 150 2.93 11.72 36.73
CA VAL B 150 1.91 11.78 35.69
C VAL B 150 0.84 10.71 35.92
N LEU B 151 1.24 9.54 36.45
CA LEU B 151 0.24 8.53 36.78
C LEU B 151 -0.79 9.07 37.77
N ARG B 152 -0.33 9.76 38.81
CA ARG B 152 -1.22 10.43 39.76
C ARG B 152 -2.26 11.25 39.02
N LYS B 153 -1.80 12.16 38.17
CA LYS B 153 -2.72 13.01 37.41
C LYS B 153 -3.66 12.18 36.54
N ALA B 154 -3.14 11.11 35.91
CA ALA B 154 -3.96 10.33 35.01
C ALA B 154 -5.03 9.54 35.78
N ILE B 155 -4.68 8.99 36.95
CA ILE B 155 -5.69 8.36 37.80
C ILE B 155 -6.80 9.35 38.12
N ASP B 156 -6.41 10.57 38.50
CA ASP B 156 -7.37 11.51 39.06
C ASP B 156 -8.30 12.10 38.00
N ILE B 157 -7.82 12.27 36.76
CA ILE B 157 -8.70 12.80 35.73
C ILE B 157 -9.83 11.84 35.40
N ASP B 158 -9.69 10.55 35.75
CA ASP B 158 -10.70 9.53 35.48
C ASP B 158 -10.54 8.40 36.48
N PRO B 159 -10.95 8.61 37.73
CA PRO B 159 -10.85 7.54 38.73
C PRO B 159 -11.59 6.27 38.36
N LYS B 160 -12.74 6.39 37.68
CA LYS B 160 -13.49 5.18 37.31
C LYS B 160 -12.66 4.25 36.42
N GLN B 161 -11.85 4.81 35.52
CA GLN B 161 -11.08 3.97 34.61
C GLN B 161 -9.71 3.60 35.13
N ALA B 162 -9.26 4.22 36.22
CA ALA B 162 -7.89 4.01 36.67
C ALA B 162 -7.55 2.56 37.02
N PRO B 163 -8.45 1.73 37.58
CA PRO B 163 -8.07 0.33 37.80
C PRO B 163 -7.68 -0.39 36.51
N ALA B 164 -8.54 -0.32 35.49
CA ALA B 164 -8.20 -0.94 34.20
C ALA B 164 -6.90 -0.39 33.65
N MET B 165 -6.72 0.94 33.71
CA MET B 165 -5.50 1.57 33.24
C MET B 165 -4.27 0.99 33.95
N ILE B 166 -4.33 0.89 35.29
CA ILE B 166 -3.19 0.35 36.03
C ILE B 166 -2.96 -1.11 35.71
N GLU B 167 -4.03 -1.91 35.65
CA GLU B 167 -3.91 -3.29 35.21
C GLU B 167 -3.18 -3.38 33.88
N MET B 168 -3.58 -2.54 32.92
CA MET B 168 -2.99 -2.63 31.59
C MET B 168 -1.51 -2.29 31.65
N LEU B 169 -1.16 -1.25 32.43
CA LEU B 169 0.23 -0.80 32.51
C LEU B 169 1.10 -1.81 33.22
N ARG B 170 0.57 -2.45 34.25
CA ARG B 170 1.31 -3.53 34.91
C ARG B 170 1.46 -4.73 33.98
N HIS B 171 0.40 -5.10 33.25
CA HIS B 171 0.52 -6.18 32.26
C HIS B 171 1.56 -5.84 31.20
N TYR B 172 1.59 -4.57 30.76
CA TYR B 172 2.55 -4.15 29.76
C TYR B 172 4.00 -4.33 30.24
N LEU B 173 4.33 -3.78 31.41
CA LEU B 173 5.72 -3.92 31.88
C LEU B 173 6.07 -5.36 32.20
N ALA B 174 5.09 -6.20 32.51
CA ALA B 174 5.39 -7.60 32.79
C ALA B 174 5.58 -8.45 31.54
N THR B 175 5.02 -8.06 30.39
CA THR B 175 5.00 -8.92 29.21
C THR B 175 5.55 -8.32 27.92
N PHE B 176 5.88 -7.02 27.88
CA PHE B 176 6.29 -6.48 26.60
C PHE B 176 7.71 -6.87 26.23
N ASP B 177 8.55 -7.21 27.21
CA ASP B 177 9.97 -7.44 26.98
C ASP B 177 10.47 -8.63 27.79
N ASN B 178 9.58 -9.56 28.16
CA ASN B 178 10.00 -10.65 29.04
C ASN B 178 10.57 -11.85 28.28
N ILE B 179 10.55 -11.88 26.95
CA ILE B 179 11.17 -12.96 26.19
C ILE B 179 12.55 -12.48 25.73
N GLY B 180 13.55 -13.36 25.87
CA GLY B 180 14.92 -12.96 25.57
C GLY B 180 15.55 -13.52 24.31
N GLY B 181 14.98 -14.55 23.70
CA GLY B 181 15.64 -15.21 22.60
C GLY B 181 15.43 -14.53 21.26
N ASP B 182 16.04 -15.11 20.22
CA ASP B 182 15.68 -14.74 18.86
C ASP B 182 14.44 -15.48 18.39
N PHE B 183 13.71 -14.84 17.51
CA PHE B 183 12.55 -15.43 16.86
C PHE B 183 12.96 -15.90 15.47
N THR B 184 12.51 -17.09 15.09
CA THR B 184 12.80 -17.63 13.77
C THR B 184 11.57 -17.92 12.94
N ARG B 185 10.37 -17.65 13.46
CA ARG B 185 9.12 -17.78 12.71
C ARG B 185 8.19 -16.62 13.02
N MET B 186 7.55 -16.09 11.96
CA MET B 186 6.57 -15.02 12.10
C MET B 186 5.37 -15.47 12.92
N GLU B 187 5.03 -16.76 12.84
CA GLU B 187 3.87 -17.27 13.59
C GLU B 187 4.02 -16.96 15.09
N GLU B 188 5.23 -17.07 15.61
CA GLU B 188 5.56 -16.73 17.00
C GLU B 188 5.90 -15.25 17.18
N TYR B 189 6.67 -14.66 16.25
CA TYR B 189 7.09 -13.27 16.43
C TYR B 189 5.91 -12.30 16.47
N MET B 190 4.92 -12.49 15.58
CA MET B 190 3.89 -11.47 15.40
C MET B 190 3.04 -11.27 16.65
N PRO B 191 2.53 -12.30 17.33
CA PRO B 191 1.75 -12.02 18.55
C PRO B 191 2.60 -11.38 19.64
N TYR B 192 3.85 -11.80 19.79
CA TYR B 192 4.72 -11.15 20.76
C TYR B 192 5.01 -9.71 20.38
N ARG B 193 5.18 -9.42 19.08
CA ARG B 193 5.53 -8.06 18.69
C ARG B 193 4.40 -7.07 18.97
N ILE B 194 3.15 -7.50 18.87
CA ILE B 194 2.06 -6.61 19.25
C ILE B 194 2.27 -6.09 20.66
N ALA B 195 2.65 -6.97 21.59
CA ALA B 195 2.89 -6.52 22.96
C ALA B 195 4.18 -5.71 23.06
N ASN B 196 5.25 -6.22 22.43
CA ASN B 196 6.56 -5.59 22.53
C ASN B 196 6.57 -4.16 21.99
N CYS B 197 5.76 -3.87 20.96
CA CYS B 197 5.67 -2.52 20.40
C CYS B 197 4.70 -1.63 21.17
N GLY B 198 4.16 -2.09 22.30
CA GLY B 198 3.30 -1.26 23.13
C GLY B 198 1.88 -1.10 22.65
N TYR B 199 1.44 -1.87 21.66
CA TYR B 199 0.11 -1.64 21.08
C TYR B 199 -1.02 -1.84 22.08
N TRP B 200 -0.86 -2.77 23.03
CA TRP B 200 -1.96 -2.92 23.99
C TRP B 200 -2.03 -1.72 24.93
N MET B 201 -0.90 -1.03 25.13
CA MET B 201 -0.92 0.22 25.90
C MET B 201 -1.54 1.34 25.07
N SER B 202 -1.02 1.51 23.85
CA SER B 202 -1.45 2.62 23.01
C SER B 202 -2.92 2.51 22.65
N SER B 203 -3.37 1.30 22.28
CA SER B 203 -4.76 1.14 21.90
C SER B 203 -5.69 1.34 23.09
N TYR B 204 -5.24 0.98 24.31
CA TYR B 204 -6.02 1.32 25.49
C TYR B 204 -6.15 2.84 25.61
N PHE B 205 -5.04 3.56 25.49
CA PHE B 205 -5.13 5.01 25.58
C PHE B 205 -5.87 5.66 24.42
N ILE B 206 -6.08 4.94 23.30
CA ILE B 206 -6.97 5.46 22.25
C ILE B 206 -8.42 5.53 22.76
N ARG B 207 -8.84 4.52 23.52
CA ARG B 207 -10.17 4.51 24.12
C ARG B 207 -10.23 5.46 25.32
N TRP B 208 -9.26 5.33 26.24
CA TRP B 208 -9.18 6.19 27.42
C TRP B 208 -9.17 7.67 27.02
N GLY B 209 -8.32 8.03 26.04
CA GLY B 209 -8.25 9.41 25.58
C GLY B 209 -9.56 9.97 25.03
N MET B 210 -10.49 9.12 24.64
CA MET B 210 -11.79 9.56 24.16
C MET B 210 -12.86 9.43 25.24
N ASP B 211 -12.45 9.17 26.48
CA ASP B 211 -13.33 9.02 27.62
C ASP B 211 -14.46 8.03 27.31
N MET B 212 -14.07 6.88 26.77
CA MET B 212 -15.01 5.80 26.47
C MET B 212 -14.35 4.46 26.77
N THR B 213 -15.16 3.42 26.74
CA THR B 213 -14.69 2.05 26.87
C THR B 213 -15.50 1.16 25.94
N LEU B 214 -15.01 -0.06 25.73
CA LEU B 214 -15.75 -1.11 25.07
C LEU B 214 -16.08 -2.18 26.10
N SER B 215 -17.29 -2.72 26.01
CA SER B 215 -17.67 -3.87 26.81
C SER B 215 -16.93 -5.12 26.34
N GLU B 216 -17.01 -6.17 27.16
CA GLU B 216 -16.29 -7.40 26.82
C GLU B 216 -16.84 -8.05 25.56
N GLU B 217 -18.16 -7.99 25.34
CA GLU B 217 -18.71 -8.57 24.11
C GLU B 217 -18.41 -7.67 22.92
N GLU B 218 -18.47 -6.36 23.11
CA GLU B 218 -18.12 -5.43 22.05
C GLU B 218 -16.67 -5.66 21.60
N TYR B 219 -15.75 -5.79 22.56
CA TYR B 219 -14.36 -6.08 22.20
C TYR B 219 -14.25 -7.46 21.56
N ALA B 220 -14.98 -8.44 22.08
CA ALA B 220 -14.92 -9.77 21.49
C ALA B 220 -15.31 -9.71 20.01
N SER B 221 -16.24 -8.84 19.67
CA SER B 221 -16.75 -8.78 18.30
C SER B 221 -15.74 -8.16 17.32
N ILE B 222 -14.73 -7.44 17.79
CA ILE B 222 -13.75 -6.82 16.90
C ILE B 222 -12.33 -7.25 17.23
N GLU B 223 -12.18 -8.36 17.94
CA GLU B 223 -10.86 -8.70 18.47
C GLU B 223 -9.92 -9.08 17.34
N GLN B 224 -10.41 -9.83 16.35
CA GLN B 224 -9.58 -10.19 15.20
C GLN B 224 -9.20 -8.96 14.39
N PHE B 225 -10.13 -8.03 14.19
CA PHE B 225 -9.81 -6.72 13.64
C PHE B 225 -8.68 -6.04 14.40
N ASP B 226 -8.79 -6.06 15.73
CA ASP B 226 -7.84 -5.33 16.57
C ASP B 226 -6.47 -5.96 16.50
N ILE B 227 -6.41 -7.30 16.43
CA ILE B 227 -5.13 -7.99 16.29
C ILE B 227 -4.48 -7.61 14.96
N ALA B 228 -5.27 -7.57 13.89
CA ALA B 228 -4.73 -7.22 12.58
C ALA B 228 -4.15 -5.80 12.61
N MET B 229 -4.85 -4.85 13.22
CA MET B 229 -4.31 -3.50 13.32
C MET B 229 -3.07 -3.45 14.20
N GLY B 230 -3.03 -4.25 15.27
CA GLY B 230 -1.83 -4.31 16.09
C GLY B 230 -0.64 -4.84 15.32
N ASN B 231 -0.88 -5.82 14.44
CA ASN B 231 0.18 -6.32 13.58
C ASN B 231 0.71 -5.22 12.67
N VAL B 232 -0.20 -4.51 12.00
CA VAL B 232 0.17 -3.36 11.15
C VAL B 232 1.08 -2.41 11.91
N LEU B 233 0.65 -2.02 13.11
CA LEU B 233 1.33 -0.97 13.86
C LEU B 233 2.78 -1.34 14.16
N GLY B 234 2.99 -2.50 14.78
CA GLY B 234 4.34 -2.87 15.18
C GLY B 234 5.22 -3.28 14.01
N LEU B 235 4.63 -3.95 13.00
CA LEU B 235 5.41 -4.36 11.84
C LEU B 235 5.76 -3.18 10.97
N THR B 236 4.88 -2.18 10.89
CA THR B 236 5.24 -0.93 10.20
C THR B 236 6.41 -0.26 10.90
N ASN B 237 6.41 -0.23 12.24
CA ASN B 237 7.59 0.28 12.92
C ASN B 237 8.83 -0.53 12.53
N ASP B 238 8.72 -1.85 12.50
CA ASP B 238 9.86 -2.67 12.11
C ASP B 238 10.40 -2.27 10.75
N TYR B 239 9.49 -2.08 9.78
CA TYR B 239 9.89 -1.73 8.44
C TYR B 239 10.69 -0.44 8.43
N PHE B 240 10.19 0.60 9.11
CA PHE B 240 10.84 1.90 9.07
C PHE B 240 12.06 2.02 10.00
N SER B 241 12.14 1.20 11.05
CA SER B 241 13.23 1.29 11.99
C SER B 241 14.29 0.21 11.76
N TRP B 242 14.11 -0.64 10.75
CA TRP B 242 15.12 -1.66 10.46
C TRP B 242 16.51 -1.06 10.24
N ASN B 243 16.58 0.04 9.48
CA ASN B 243 17.89 0.58 9.11
C ASN B 243 18.72 0.94 10.33
N ILE B 244 18.13 1.53 11.37
CA ILE B 244 18.92 1.81 12.55
C ILE B 244 19.06 0.56 13.42
N GLU B 245 18.01 -0.27 13.54
CA GLU B 245 18.05 -1.37 14.52
C GLU B 245 19.02 -2.45 14.11
N LYS B 246 19.30 -2.58 12.81
CA LYS B 246 20.15 -3.67 12.33
C LYS B 246 21.58 -3.55 12.82
N ASP B 247 22.02 -2.35 13.20
CA ASP B 247 23.36 -2.16 13.75
C ASP B 247 23.35 -1.93 15.26
N GLN B 248 22.19 -1.79 15.88
CA GLN B 248 22.12 -1.56 17.32
C GLN B 248 22.73 -2.73 18.08
N GLU B 249 23.41 -2.44 19.18
CA GLU B 249 23.91 -3.48 20.07
C GLU B 249 22.81 -3.86 21.04
N THR B 250 22.29 -5.07 20.87
CA THR B 250 21.26 -5.62 21.73
C THR B 250 21.44 -7.14 21.75
N ASP B 251 21.02 -7.77 22.84
CA ASP B 251 21.01 -9.22 22.88
C ASP B 251 19.65 -9.78 22.45
N ARG B 252 18.73 -8.92 22.01
CA ARG B 252 17.38 -9.37 21.65
C ARG B 252 16.79 -8.38 20.64
N MET B 253 17.20 -8.52 19.38
CA MET B 253 16.62 -7.68 18.33
C MET B 253 15.17 -8.09 18.09
N ARG B 254 14.30 -7.08 17.94
CA ARG B 254 12.89 -7.31 17.65
C ARG B 254 12.53 -6.57 16.36
N ASN B 255 12.60 -7.29 15.24
CA ASN B 255 12.29 -6.70 13.94
C ASN B 255 11.91 -7.81 12.97
N GLY B 256 10.73 -7.68 12.35
CA GLY B 256 10.25 -8.68 11.40
C GLY B 256 11.21 -8.95 10.25
N VAL B 257 12.05 -7.98 9.91
CA VAL B 257 13.01 -8.19 8.80
C VAL B 257 13.90 -9.39 9.11
N VAL B 258 14.52 -9.41 10.30
CA VAL B 258 15.42 -10.52 10.63
C VAL B 258 14.64 -11.82 10.78
N VAL B 259 13.44 -11.76 11.36
CA VAL B 259 12.65 -12.97 11.47
C VAL B 259 12.45 -13.57 10.09
N LEU B 260 11.99 -12.75 9.13
CA LEU B 260 11.79 -13.25 7.77
C LEU B 260 13.10 -13.72 7.13
N MET B 261 14.20 -12.98 7.33
CA MET B 261 15.48 -13.49 6.83
C MET B 261 15.73 -14.91 7.31
N LYS B 262 15.47 -15.17 8.60
CA LYS B 262 15.81 -16.47 9.16
C LYS B 262 14.82 -17.54 8.71
N GLU B 263 13.53 -17.21 8.69
CA GLU B 263 12.50 -18.18 8.31
C GLU B 263 12.61 -18.60 6.85
N HIS B 264 12.95 -17.66 5.96
CA HIS B 264 12.92 -17.93 4.52
C HIS B 264 14.30 -17.92 3.89
N HIS B 265 15.34 -17.63 4.67
CA HIS B 265 16.74 -17.71 4.21
C HIS B 265 16.99 -16.79 3.03
N THR B 266 16.66 -15.51 3.21
CA THR B 266 16.84 -14.49 2.19
C THR B 266 17.75 -13.41 2.71
N THR B 267 18.15 -12.52 1.81
CA THR B 267 18.84 -11.30 2.17
C THR B 267 17.93 -10.38 2.98
N ALA B 268 18.54 -9.35 3.57
CA ALA B 268 17.78 -8.35 4.30
C ALA B 268 16.86 -7.57 3.37
N ASP B 269 17.34 -7.23 2.17
CA ASP B 269 16.53 -6.46 1.24
C ASP B 269 15.28 -7.23 0.83
N ALA B 270 15.44 -8.52 0.52
CA ALA B 270 14.29 -9.35 0.17
C ALA B 270 13.32 -9.46 1.34
N ALA B 271 13.83 -9.66 2.55
CA ALA B 271 12.94 -9.83 3.70
C ALA B 271 12.18 -8.55 4.01
N LYS B 272 12.81 -7.40 3.80
CA LYS B 272 12.15 -6.12 3.99
C LYS B 272 11.00 -5.92 3.00
N MET B 273 11.20 -6.33 1.74
CA MET B 273 10.11 -6.34 0.76
C MET B 273 8.98 -7.26 1.20
N MET B 274 9.33 -8.47 1.63
CA MET B 274 8.35 -9.41 2.13
C MET B 274 7.57 -8.79 3.30
N LEU B 275 8.28 -8.08 4.19
CA LEU B 275 7.61 -7.53 5.38
C LEU B 275 6.60 -6.46 4.99
N LEU B 276 6.97 -5.61 4.02
CA LEU B 276 6.05 -4.60 3.51
C LEU B 276 4.81 -5.26 2.93
N GLY B 277 4.97 -6.36 2.21
CA GLY B 277 3.82 -7.09 1.70
C GLY B 277 2.95 -7.63 2.82
N VAL B 278 3.58 -8.22 3.84
CA VAL B 278 2.83 -8.71 5.01
C VAL B 278 2.01 -7.59 5.66
N ILE B 279 2.60 -6.39 5.78
CA ILE B 279 1.90 -5.25 6.39
C ILE B 279 0.66 -4.89 5.58
N VAL B 280 0.83 -4.75 4.26
CA VAL B 280 -0.29 -4.31 3.43
C VAL B 280 -1.40 -5.34 3.46
N GLU B 281 -1.05 -6.63 3.47
CA GLU B 281 -2.08 -7.65 3.59
C GLU B 281 -2.75 -7.63 4.96
N GLN B 282 -2.02 -7.27 6.03
CA GLN B 282 -2.69 -7.08 7.32
C GLN B 282 -3.62 -5.86 7.29
N GLU B 283 -3.21 -4.78 6.61
CA GLU B 283 -4.14 -3.64 6.50
C GLU B 283 -5.40 -4.04 5.76
N SER B 284 -5.27 -4.91 4.75
CA SER B 284 -6.44 -5.40 4.02
C SER B 284 -7.28 -6.34 4.87
N LEU B 285 -6.61 -7.26 5.60
CA LEU B 285 -7.31 -8.17 6.51
C LEU B 285 -8.18 -7.39 7.48
N ALA B 286 -7.61 -6.34 8.08
CA ALA B 286 -8.35 -5.55 9.04
C ALA B 286 -9.56 -4.89 8.39
N ALA B 287 -9.39 -4.40 7.17
CA ALA B 287 -10.54 -3.81 6.48
C ALA B 287 -11.59 -4.86 6.16
N LYS B 288 -11.17 -6.10 5.83
CA LYS B 288 -12.13 -7.19 5.62
C LYS B 288 -12.89 -7.53 6.90
N LEU B 289 -12.19 -7.51 8.03
CA LEU B 289 -12.80 -7.87 9.31
C LEU B 289 -13.77 -6.78 9.76
N LYS B 290 -13.41 -5.52 9.56
CA LYS B 290 -14.32 -4.43 9.89
C LYS B 290 -15.59 -4.48 9.04
N GLU B 291 -15.44 -4.72 7.73
CA GLU B 291 -16.60 -4.85 6.86
C GLU B 291 -17.50 -6.01 7.31
N GLU B 292 -16.90 -7.10 7.76
CA GLU B 292 -17.68 -8.22 8.26
C GLU B 292 -18.44 -7.85 9.53
N ARG B 293 -17.74 -7.27 10.50
CA ARG B 293 -18.38 -6.82 11.73
C ARG B 293 -19.52 -5.85 11.45
N LEU B 294 -19.31 -4.92 10.54
CA LEU B 294 -20.35 -3.93 10.26
C LEU B 294 -21.56 -4.51 9.50
N LYS B 295 -21.65 -5.82 9.25
CA LYS B 295 -22.88 -6.39 8.72
C LYS B 295 -23.94 -6.59 9.81
N LYS B 296 -23.54 -6.58 11.08
CA LYS B 296 -24.42 -6.59 12.23
C LYS B 296 -24.48 -5.21 12.86
N PRO B 297 -25.51 -4.92 13.64
CA PRO B 297 -25.62 -3.59 14.27
C PRO B 297 -24.42 -3.29 15.15
N ALA B 298 -24.04 -2.01 15.18
CA ALA B 298 -22.80 -1.60 15.85
C ALA B 298 -23.06 -0.37 16.70
N SER B 299 -22.62 -0.43 17.95
CA SER B 299 -22.82 0.68 18.88
C SER B 299 -21.98 1.89 18.49
N LYS B 300 -22.33 3.04 19.07
CA LYS B 300 -21.52 4.25 18.89
C LYS B 300 -20.07 3.99 19.28
N GLU B 301 -19.86 3.23 20.35
CA GLU B 301 -18.52 2.99 20.86
C GLU B 301 -17.70 2.18 19.87
N ILE B 302 -18.29 1.12 19.30
CA ILE B 302 -17.60 0.34 18.29
C ILE B 302 -17.19 1.21 17.10
N LEU B 303 -18.12 2.06 16.64
CA LEU B 303 -17.82 2.96 15.53
C LEU B 303 -16.74 3.97 15.90
N GLN B 304 -16.75 4.43 17.16
CA GLN B 304 -15.71 5.36 17.62
C GLN B 304 -14.33 4.71 17.58
N TYR B 305 -14.24 3.46 18.02
CA TYR B 305 -12.95 2.79 18.08
C TYR B 305 -12.40 2.54 16.69
N PHE B 306 -13.24 2.01 15.78
CA PHE B 306 -12.86 1.87 14.38
C PHE B 306 -12.22 3.14 13.85
N GLU B 307 -12.90 4.27 14.04
CA GLU B 307 -12.43 5.51 13.44
C GLU B 307 -11.15 6.01 14.11
N ALA B 308 -11.06 5.90 15.45
CA ALA B 308 -9.86 6.41 16.11
C ALA B 308 -8.67 5.48 15.96
N ILE B 309 -8.89 4.16 15.96
CA ILE B 309 -7.77 3.24 15.81
C ILE B 309 -7.20 3.30 14.38
N GLU B 310 -8.03 3.57 13.38
CA GLU B 310 -7.51 3.78 12.03
C GLU B 310 -6.65 5.04 11.95
N LEU B 311 -7.09 6.12 12.61
CA LEU B 311 -6.29 7.33 12.66
C LEU B 311 -4.98 7.07 13.37
N TYR B 312 -5.01 6.17 14.36
CA TYR B 312 -3.77 5.82 15.09
C TYR B 312 -2.82 5.08 14.15
N VAL B 313 -3.33 4.06 13.47
CA VAL B 313 -2.47 3.24 12.62
C VAL B 313 -2.01 4.04 11.41
N GLY B 314 -2.93 4.75 10.75
CA GLY B 314 -2.54 5.61 9.63
C GLY B 314 -1.57 6.70 10.05
N GLY B 315 -1.89 7.40 11.16
CA GLY B 315 -0.97 8.42 11.64
C GLY B 315 0.39 7.87 11.99
N SER B 316 0.44 6.64 12.52
CA SER B 316 1.76 6.09 12.87
C SER B 316 2.59 5.82 11.63
N CYS B 317 1.97 5.28 10.58
CA CYS B 317 2.70 5.11 9.31
C CYS B 317 3.18 6.47 8.80
N TYR B 318 2.30 7.46 8.83
CA TYR B 318 2.64 8.82 8.38
C TYR B 318 3.85 9.35 9.13
N TRP B 319 3.82 9.28 10.47
CA TRP B 319 4.91 9.83 11.28
C TRP B 319 6.20 9.03 11.11
N HIS B 320 6.11 7.69 11.15
CA HIS B 320 7.30 6.87 10.93
C HIS B 320 7.95 7.17 9.59
N SER B 321 7.13 7.42 8.57
CA SER B 321 7.71 7.48 7.23
C SER B 321 8.67 8.66 7.09
N THR B 322 8.53 9.70 7.93
CA THR B 322 9.40 10.87 7.88
C THR B 322 10.14 11.21 9.17
N ALA B 323 10.04 10.41 10.23
CA ALA B 323 10.61 10.79 11.51
C ALA B 323 12.14 10.80 11.47
N PRO B 324 12.78 11.88 11.94
CA PRO B 324 14.24 11.87 12.07
C PRO B 324 14.78 10.72 12.91
N ARG B 325 13.97 10.23 13.86
CA ARG B 325 14.40 9.09 14.69
C ARG B 325 14.96 7.94 13.85
N TYR B 326 14.38 7.69 12.68
CA TYR B 326 14.70 6.47 11.94
C TYR B 326 15.68 6.68 10.79
N GLN B 327 16.20 7.90 10.62
CA GLN B 327 17.02 8.20 9.46
C GLN B 327 18.42 7.62 9.61
N VAL B 328 18.97 7.13 8.50
CA VAL B 328 20.37 6.72 8.42
C VAL B 328 21.00 7.43 7.22
N PHE B 329 22.30 7.69 7.33
CA PHE B 329 23.00 8.53 6.38
C PHE B 329 24.21 7.78 5.83
N GLU B 330 24.61 8.16 4.62
CA GLU B 330 25.64 7.53 3.73
C GLU B 330 25.23 6.14 3.28
#